data_7OCX
#
_entry.id   7OCX
#
_cell.length_a   43.980
_cell.length_b   68.002
_cell.length_c   130.585
_cell.angle_alpha   90.000
_cell.angle_beta   90.000
_cell.angle_gamma   90.000
#
_symmetry.space_group_name_H-M   'P 21 21 21'
#
loop_
_entity.id
_entity.type
_entity.pdbx_description
1 polymer 'Protein pid-3'
2 polymer 'Embryonic developmental protein tofu-6'
3 water water
#
loop_
_entity_poly.entity_id
_entity_poly.type
_entity_poly.pdbx_seq_one_letter_code
_entity_poly.pdbx_strand_id
1 'polypeptide(L)'
;GPDSMPRGADQENMLKISGYPGMLNTFGIAQLLTPYRVNGITITGAQSAVVALENKFQVYQAVQDFNGKKLDRNHKLQVS
SLVV
;
A,B
2 'polypeptide(L)'
;GPDSMASSSTAYYLKDAGFHIRNIPKAWNDWNLFHVFQNFGKVSYCRVVGQSNDGQVQLGFVNMMSVADADEVRKNLNDG
NLIGENFTLKVTDHKNVGGSLLP
;
C,D
#
# COMPACT_ATOMS: atom_id res chain seq x y z
N GLY A 8 -5.28 -17.66 15.86
CA GLY A 8 -4.05 -18.04 16.52
C GLY A 8 -2.81 -17.22 16.20
N ALA A 9 -2.24 -16.56 17.21
CA ALA A 9 -1.02 -15.79 16.95
C ALA A 9 0.19 -16.72 16.90
N ASP A 10 1.23 -16.26 16.19
CA ASP A 10 2.43 -17.07 15.94
C ASP A 10 3.59 -16.12 15.65
N GLN A 11 4.62 -16.18 16.49
CA GLN A 11 5.76 -15.28 16.31
C GLN A 11 6.45 -15.45 14.97
N GLU A 12 6.30 -16.61 14.31
CA GLU A 12 6.93 -16.70 12.99
C GLU A 12 6.16 -15.88 11.95
N ASN A 13 5.00 -15.35 12.31
CA ASN A 13 4.28 -14.42 11.42
C ASN A 13 4.73 -12.99 11.63
N MET A 14 5.63 -12.73 12.57
CA MET A 14 5.84 -11.39 13.05
C MET A 14 7.20 -10.81 12.68
N LEU A 15 7.20 -9.49 12.50
CA LEU A 15 8.46 -8.79 12.24
C LEU A 15 8.51 -7.50 13.04
N LYS A 16 9.73 -7.01 13.22
CA LYS A 16 10.01 -5.69 13.78
C LYS A 16 10.33 -4.74 12.62
N ILE A 17 9.76 -3.56 12.66
CA ILE A 17 10.01 -2.54 11.62
C ILE A 17 10.31 -1.23 12.33
N SER A 18 11.32 -0.49 11.84
CA SER A 18 11.65 0.78 12.46
C SER A 18 12.30 1.72 11.43
N GLY A 19 12.38 3.00 11.80
CA GLY A 19 13.11 3.97 11.00
C GLY A 19 12.26 4.83 10.07
N TYR A 20 10.96 4.56 10.00
CA TYR A 20 10.04 5.34 9.19
C TYR A 20 9.74 6.65 9.88
N PRO A 21 9.03 7.57 9.20
CA PRO A 21 8.75 8.86 9.85
C PRO A 21 7.89 8.70 11.09
N GLY A 22 8.21 9.49 12.12
CA GLY A 22 7.51 9.35 13.37
C GLY A 22 6.05 9.73 13.29
N MET A 23 5.65 10.46 12.26
CA MET A 23 4.26 10.86 12.14
C MET A 23 3.34 9.73 11.73
N LEU A 24 3.86 8.59 11.30
CA LEU A 24 2.98 7.54 10.78
C LEU A 24 2.10 6.96 11.90
N ASN A 25 0.86 6.63 11.56
CA ASN A 25 -0.02 5.82 12.40
C ASN A 25 0.04 4.36 11.91
N THR A 26 -0.77 3.49 12.52
CA THR A 26 -0.64 2.08 12.14
C THR A 26 -1.05 1.84 10.70
N PHE A 27 -2.01 2.59 10.16
CA PHE A 27 -2.31 2.40 8.77
C PHE A 27 -1.14 2.80 7.88
N GLY A 28 -0.41 3.85 8.25
CA GLY A 28 0.74 4.24 7.47
C GLY A 28 1.85 3.20 7.49
N ILE A 29 2.04 2.52 8.64
CA ILE A 29 3.04 1.47 8.72
C ILE A 29 2.63 0.31 7.82
N ALA A 30 1.34 -0.03 7.81
CA ALA A 30 0.87 -1.06 6.91
C ALA A 30 1.08 -0.66 5.45
N GLN A 31 0.95 0.62 5.14
CA GLN A 31 1.19 1.07 3.78
C GLN A 31 2.63 0.86 3.37
N LEU A 32 3.58 0.91 4.31
CA LEU A 32 4.97 0.64 3.98
C LEU A 32 5.19 -0.77 3.50
N LEU A 33 4.34 -1.68 3.93
CA LEU A 33 4.52 -3.10 3.71
C LEU A 33 3.66 -3.62 2.57
N THR A 34 2.99 -2.75 1.83
CA THR A 34 2.26 -3.16 0.64
C THR A 34 3.17 -4.03 -0.23
N PRO A 35 2.66 -5.15 -0.78
CA PRO A 35 1.29 -5.67 -0.76
C PRO A 35 1.02 -6.78 0.28
N TYR A 36 1.95 -7.01 1.21
CA TYR A 36 1.84 -8.12 2.15
C TYR A 36 0.66 -7.92 3.09
N ARG A 37 0.00 -9.03 3.42
CA ARG A 37 -1.16 -8.95 4.29
C ARG A 37 -0.73 -8.70 5.73
N VAL A 38 -1.27 -7.62 6.30
CA VAL A 38 -1.00 -7.19 7.66
C VAL A 38 -2.22 -7.48 8.52
N ASN A 39 -2.03 -8.25 9.58
CA ASN A 39 -3.12 -8.61 10.46
C ASN A 39 -3.13 -7.85 11.77
N GLY A 40 -2.00 -7.30 12.20
CA GLY A 40 -2.00 -6.48 13.40
C GLY A 40 -0.72 -5.70 13.49
N ILE A 41 -0.79 -4.56 14.17
CA ILE A 41 0.39 -3.74 14.38
C ILE A 41 0.38 -3.24 15.82
N THR A 42 1.52 -3.39 16.51
CA THR A 42 1.75 -2.78 17.82
C THR A 42 2.85 -1.73 17.72
N ILE A 43 2.52 -0.49 18.06
CA ILE A 43 3.52 0.57 18.11
C ILE A 43 4.41 0.34 19.32
N THR A 44 5.71 0.36 19.12
CA THR A 44 6.66 0.11 20.20
C THR A 44 7.52 1.33 20.49
N GLY A 45 7.34 2.40 19.74
CA GLY A 45 8.14 3.61 19.90
C GLY A 45 7.71 4.62 18.87
N ALA A 46 8.36 5.78 18.91
CA ALA A 46 7.97 6.83 17.98
C ALA A 46 8.25 6.44 16.53
N GLN A 47 9.30 5.63 16.27
CA GLN A 47 9.60 5.15 14.93
C GLN A 47 9.79 3.63 14.89
N SER A 48 9.03 2.89 15.68
CA SER A 48 9.22 1.44 15.69
C SER A 48 7.89 0.75 15.97
N ALA A 49 7.76 -0.45 15.42
CA ALA A 49 6.56 -1.25 15.61
C ALA A 49 6.89 -2.73 15.47
N VAL A 50 5.96 -3.57 15.92
CA VAL A 50 5.96 -5.00 15.61
C VAL A 50 4.70 -5.28 14.81
N VAL A 51 4.85 -6.03 13.73
CA VAL A 51 3.78 -6.25 12.75
C VAL A 51 3.56 -7.74 12.63
N ALA A 52 2.30 -8.18 12.65
CA ALA A 52 1.96 -9.56 12.34
C ALA A 52 1.50 -9.59 10.89
N LEU A 53 2.25 -10.26 10.03
CA LEU A 53 1.82 -10.55 8.67
C LEU A 53 1.08 -11.90 8.64
N GLU A 54 0.55 -12.25 7.47
CA GLU A 54 -0.28 -13.45 7.37
C GLU A 54 0.49 -14.73 7.72
N ASN A 55 1.75 -14.83 7.32
CA ASN A 55 2.51 -16.06 7.57
C ASN A 55 4.00 -15.82 7.38
N LYS A 56 4.79 -16.86 7.65
CA LYS A 56 6.24 -16.74 7.64
C LYS A 56 6.80 -16.48 6.25
N PHE A 57 6.08 -16.84 5.18
CA PHE A 57 6.56 -16.57 3.83
C PHE A 57 6.48 -15.09 3.50
N GLN A 58 5.38 -14.45 3.92
CA GLN A 58 5.27 -13.01 3.79
C GLN A 58 6.29 -12.29 4.68
N VAL A 59 6.59 -12.82 5.87
CA VAL A 59 7.65 -12.23 6.69
C VAL A 59 8.98 -12.25 5.94
N TYR A 60 9.32 -13.42 5.40
CA TYR A 60 10.59 -13.57 4.69
C TYR A 60 10.69 -12.59 3.53
N GLN A 61 9.61 -12.47 2.76
CA GLN A 61 9.65 -11.61 1.58
C GLN A 61 9.66 -10.15 1.97
N ALA A 62 8.98 -9.79 3.06
CA ALA A 62 8.97 -8.41 3.51
C ALA A 62 10.35 -8.00 4.02
N VAL A 63 11.02 -8.91 4.73
CA VAL A 63 12.37 -8.59 5.18
C VAL A 63 13.29 -8.34 4.00
N GLN A 64 13.23 -9.22 2.99
CA GLN A 64 14.07 -9.05 1.82
C GLN A 64 13.74 -7.78 1.05
N ASP A 65 12.45 -7.45 0.95
CA ASP A 65 12.05 -6.26 0.19
C ASP A 65 12.43 -4.96 0.89
N PHE A 66 12.29 -4.92 2.23
CA PHE A 66 12.26 -3.66 2.94
C PHE A 66 13.40 -3.44 3.93
N ASN A 67 14.10 -4.48 4.37
CA ASN A 67 15.21 -4.22 5.29
C ASN A 67 16.31 -3.39 4.61
N GLY A 68 16.64 -2.24 5.20
CA GLY A 68 17.62 -1.35 4.65
C GLY A 68 17.09 -0.45 3.55
N LYS A 69 15.79 -0.45 3.30
CA LYS A 69 15.25 0.31 2.17
C LYS A 69 15.24 1.80 2.48
N LYS A 70 15.81 2.56 1.57
CA LYS A 70 15.78 4.01 1.66
C LYS A 70 14.38 4.51 1.31
N LEU A 71 13.74 5.18 2.26
CA LEU A 71 12.46 5.84 1.96
C LEU A 71 12.66 7.25 1.43
N ASP A 72 13.63 7.97 2.01
CA ASP A 72 14.08 9.25 1.51
C ASP A 72 15.44 9.52 2.15
N ARG A 73 16.00 10.69 1.87
CA ARG A 73 17.34 10.96 2.38
C ARG A 73 17.42 11.09 3.91
N ASN A 74 16.28 10.99 4.58
CA ASN A 74 16.20 11.13 6.02
C ASN A 74 15.75 9.87 6.72
N HIS A 75 15.32 8.85 5.98
CA HIS A 75 14.76 7.64 6.57
C HIS A 75 15.13 6.39 5.80
N LYS A 76 15.69 5.40 6.49
CA LYS A 76 15.88 4.07 5.94
C LYS A 76 15.24 3.07 6.89
N LEU A 77 14.53 2.10 6.33
CA LEU A 77 13.80 1.13 7.12
C LEU A 77 14.73 0.05 7.68
N GLN A 78 14.39 -0.44 8.87
CA GLN A 78 14.99 -1.63 9.48
C GLN A 78 13.85 -2.63 9.63
N VAL A 79 14.01 -3.83 9.05
CA VAL A 79 12.96 -4.85 9.09
C VAL A 79 13.60 -6.19 9.42
N SER A 80 13.08 -6.90 10.41
CA SER A 80 13.70 -8.15 10.81
C SER A 80 12.62 -9.08 11.34
N SER A 81 12.79 -10.38 11.08
CA SER A 81 11.86 -11.35 11.64
C SER A 81 11.97 -11.37 13.17
N LEU A 82 10.84 -11.57 13.84
CA LEU A 82 10.89 -11.64 15.29
C LEU A 82 11.65 -12.88 15.76
N VAL A 83 11.44 -14.02 15.08
CA VAL A 83 12.18 -15.23 15.37
C VAL A 83 13.40 -15.29 14.47
N VAL A 84 14.55 -15.60 15.06
CA VAL A 84 15.79 -15.69 14.31
C VAL A 84 15.87 -17.04 13.58
N SER B 4 -11.83 1.70 14.41
CA SER B 4 -12.85 2.14 13.46
C SER B 4 -12.71 3.65 13.18
N MET B 5 -13.82 4.38 13.19
CA MET B 5 -13.78 5.77 12.71
C MET B 5 -13.68 6.76 13.87
N PRO B 6 -12.86 7.81 13.75
CA PRO B 6 -12.85 8.83 14.82
C PRO B 6 -14.22 9.46 15.00
N ARG B 7 -14.69 9.44 16.26
CA ARG B 7 -15.90 10.16 16.62
C ARG B 7 -15.78 11.62 16.21
N GLY B 8 -16.75 12.11 15.45
CA GLY B 8 -16.80 13.50 15.07
C GLY B 8 -16.13 13.84 13.77
N ALA B 9 -15.82 12.85 12.94
CA ALA B 9 -15.08 13.12 11.71
C ALA B 9 -15.91 14.00 10.78
N ASP B 10 -15.21 14.82 10.01
CA ASP B 10 -15.86 15.73 9.08
C ASP B 10 -16.06 15.03 7.75
N GLN B 11 -17.25 15.20 7.18
CA GLN B 11 -17.57 14.48 5.96
C GLN B 11 -16.62 14.85 4.83
N GLU B 12 -16.04 16.06 4.83
CA GLU B 12 -15.12 16.43 3.75
C GLU B 12 -13.85 15.58 3.78
N ASN B 13 -13.57 14.88 4.87
CA ASN B 13 -12.40 14.02 4.94
C ASN B 13 -12.70 12.59 4.54
N MET B 14 -13.89 12.27 4.06
CA MET B 14 -14.28 10.88 3.90
C MET B 14 -14.50 10.51 2.46
N LEU B 15 -14.20 9.26 2.16
CA LEU B 15 -14.48 8.72 0.86
C LEU B 15 -15.08 7.33 1.02
N LYS B 16 -15.76 6.91 -0.04
CA LYS B 16 -16.29 5.56 -0.21
C LYS B 16 -15.39 4.83 -1.19
N ILE B 17 -15.05 3.59 -0.87
CA ILE B 17 -14.27 2.75 -1.77
C ILE B 17 -14.91 1.36 -1.82
N SER B 18 -14.99 0.78 -3.02
CA SER B 18 -15.67 -0.50 -3.19
C SER B 18 -15.05 -1.20 -4.39
N GLY B 19 -15.27 -2.52 -4.46
CA GLY B 19 -14.85 -3.31 -5.60
C GLY B 19 -13.60 -4.14 -5.39
N TYR B 20 -12.87 -3.92 -4.30
CA TYR B 20 -11.66 -4.66 -4.02
C TYR B 20 -11.98 -6.08 -3.55
N PRO B 21 -10.98 -6.94 -3.44
CA PRO B 21 -11.27 -8.33 -3.11
C PRO B 21 -11.91 -8.44 -1.73
N GLY B 22 -12.83 -9.40 -1.62
CA GLY B 22 -13.70 -9.49 -0.47
C GLY B 22 -13.01 -9.95 0.80
N MET B 23 -11.80 -10.47 0.71
CA MET B 23 -11.13 -10.89 1.94
C MET B 23 -10.28 -9.79 2.56
N LEU B 24 -10.23 -8.58 1.99
CA LEU B 24 -9.32 -7.58 2.53
C LEU B 24 -9.74 -7.14 3.93
N ASN B 25 -8.75 -6.90 4.78
CA ASN B 25 -9.05 -6.35 6.10
C ASN B 25 -8.77 -4.86 6.06
N THR B 26 -8.94 -4.20 7.20
CA THR B 26 -8.80 -2.75 7.18
C THR B 26 -7.40 -2.32 6.77
N PHE B 27 -6.36 -3.03 7.20
CA PHE B 27 -5.03 -2.66 6.78
C PHE B 27 -4.88 -2.80 5.27
N GLY B 28 -5.50 -3.83 4.69
CA GLY B 28 -5.39 -4.02 3.26
C GLY B 28 -6.08 -2.92 2.48
N ILE B 29 -7.21 -2.42 2.99
CA ILE B 29 -7.89 -1.27 2.38
C ILE B 29 -7.00 -0.05 2.46
N ALA B 30 -6.35 0.16 3.60
CA ALA B 30 -5.39 1.27 3.68
C ALA B 30 -4.26 1.13 2.67
N GLN B 31 -3.78 -0.10 2.44
CA GLN B 31 -2.73 -0.33 1.48
C GLN B 31 -3.16 0.05 0.06
N LEU B 32 -4.43 -0.15 -0.28
CA LEU B 32 -4.94 0.28 -1.58
C LEU B 32 -4.79 1.78 -1.80
N LEU B 33 -4.81 2.55 -0.71
CA LEU B 33 -4.81 4.01 -0.75
C LEU B 33 -3.44 4.63 -0.54
N THR B 34 -2.38 3.82 -0.48
CA THR B 34 -1.03 4.34 -0.43
C THR B 34 -0.84 5.38 -1.53
N PRO B 35 -0.25 6.55 -1.24
CA PRO B 35 0.40 6.94 0.04
C PRO B 35 -0.43 7.83 0.97
N TYR B 36 -1.73 7.99 0.71
CA TYR B 36 -2.53 8.96 1.46
C TYR B 36 -2.73 8.54 2.90
N ARG B 37 -2.83 9.55 3.78
CA ARG B 37 -2.91 9.28 5.20
C ARG B 37 -4.33 8.87 5.57
N VAL B 38 -4.45 7.67 6.12
CA VAL B 38 -5.72 7.07 6.55
C VAL B 38 -5.80 7.18 8.06
N ASN B 39 -6.86 7.79 8.57
CA ASN B 39 -7.07 7.92 10.00
C ASN B 39 -8.17 7.03 10.53
N GLY B 40 -8.98 6.44 9.68
CA GLY B 40 -10.01 5.55 10.18
C GLY B 40 -10.68 4.85 9.03
N ILE B 41 -11.15 3.63 9.26
CA ILE B 41 -11.85 2.88 8.23
C ILE B 41 -13.03 2.19 8.88
N THR B 42 -14.21 2.34 8.25
CA THR B 42 -15.40 1.61 8.64
C THR B 42 -15.81 0.69 7.49
N ILE B 43 -15.71 -0.62 7.73
CA ILE B 43 -16.13 -1.59 6.73
C ILE B 43 -17.65 -1.58 6.64
N THR B 44 -18.16 -1.61 5.42
CA THR B 44 -19.59 -1.55 5.14
C THR B 44 -20.05 -2.74 4.34
N GLY B 45 -19.16 -3.70 4.09
CA GLY B 45 -19.46 -4.93 3.40
C GLY B 45 -18.14 -5.55 3.04
N ALA B 46 -18.22 -6.80 2.57
CA ALA B 46 -17.01 -7.51 2.16
C ALA B 46 -16.15 -6.70 1.20
N GLN B 47 -16.78 -5.99 0.26
CA GLN B 47 -16.03 -5.28 -0.77
C GLN B 47 -16.30 -3.78 -0.77
N SER B 48 -16.59 -3.19 0.38
CA SER B 48 -16.83 -1.75 0.43
C SER B 48 -16.50 -1.23 1.82
N ALA B 49 -16.07 0.03 1.86
CA ALA B 49 -15.78 0.67 3.14
C ALA B 49 -15.94 2.17 2.99
N VAL B 50 -16.00 2.85 4.14
CA VAL B 50 -15.91 4.30 4.20
C VAL B 50 -14.62 4.65 4.92
N VAL B 51 -13.83 5.56 4.36
CA VAL B 51 -12.47 5.82 4.83
C VAL B 51 -12.35 7.29 5.16
N ALA B 52 -11.75 7.59 6.31
CA ALA B 52 -11.41 8.96 6.66
C ALA B 52 -9.92 9.15 6.36
N LEU B 53 -9.62 10.06 5.43
CA LEU B 53 -8.27 10.48 5.12
C LEU B 53 -7.98 11.76 5.88
N GLU B 54 -6.76 12.27 5.75
CA GLU B 54 -6.34 13.40 6.57
C GLU B 54 -7.15 14.65 6.26
N ASN B 55 -7.47 14.90 4.99
CA ASN B 55 -8.14 16.14 4.62
C ASN B 55 -8.73 16.04 3.22
N LYS B 56 -9.42 17.10 2.82
CA LYS B 56 -10.19 17.09 1.59
C LYS B 56 -9.28 17.05 0.37
N PHE B 57 -8.05 17.54 0.49
CA PHE B 57 -7.14 17.48 -0.66
C PHE B 57 -6.72 16.05 -0.94
N GLN B 58 -6.46 15.29 0.12
CA GLN B 58 -6.13 13.89 -0.03
C GLN B 58 -7.33 13.10 -0.56
N VAL B 59 -8.53 13.44 -0.11
CA VAL B 59 -9.72 12.80 -0.70
C VAL B 59 -9.78 13.08 -2.19
N TYR B 60 -9.60 14.33 -2.58
CA TYR B 60 -9.68 14.68 -3.99
C TYR B 60 -8.68 13.86 -4.82
N GLN B 61 -7.44 13.78 -4.36
CA GLN B 61 -6.40 13.06 -5.10
C GLN B 61 -6.63 11.55 -5.10
N ALA B 62 -7.15 11.01 -3.99
CA ALA B 62 -7.40 9.57 -3.95
C ALA B 62 -8.50 9.19 -4.93
N VAL B 63 -9.55 10.00 -5.03
CA VAL B 63 -10.57 9.73 -6.05
C VAL B 63 -9.94 9.74 -7.44
N GLN B 64 -9.13 10.76 -7.72
CA GLN B 64 -8.52 10.85 -9.05
C GLN B 64 -7.60 9.68 -9.31
N ASP B 65 -6.84 9.25 -8.30
CA ASP B 65 -5.87 8.18 -8.51
C ASP B 65 -6.52 6.81 -8.66
N PHE B 66 -7.61 6.56 -7.91
CA PHE B 66 -8.09 5.19 -7.72
C PHE B 66 -9.46 4.92 -8.31
N ASN B 67 -10.29 5.92 -8.57
CA ASN B 67 -11.56 5.59 -9.20
C ASN B 67 -11.37 4.99 -10.58
N GLY B 68 -12.00 3.85 -10.82
CA GLY B 68 -11.86 3.17 -12.09
C GLY B 68 -10.62 2.31 -12.23
N LYS B 69 -9.83 2.20 -11.17
CA LYS B 69 -8.60 1.43 -11.25
C LYS B 69 -8.87 -0.06 -11.35
N LYS B 70 -8.27 -0.68 -12.36
CA LYS B 70 -8.29 -2.12 -12.55
C LYS B 70 -7.24 -2.73 -11.61
N LEU B 71 -7.71 -3.35 -10.52
CA LEU B 71 -6.79 -4.06 -9.64
C LEU B 71 -6.30 -5.35 -10.26
N ASP B 72 -7.18 -6.07 -10.95
CA ASP B 72 -6.85 -7.28 -11.68
C ASP B 72 -8.07 -7.55 -12.55
N ARG B 73 -8.01 -8.60 -13.34
CA ARG B 73 -9.10 -8.84 -14.29
C ARG B 73 -10.43 -9.15 -13.61
N ASN B 74 -10.45 -9.30 -12.29
CA ASN B 74 -11.68 -9.61 -11.59
C ASN B 74 -12.15 -8.47 -10.69
N HIS B 75 -11.38 -7.38 -10.56
CA HIS B 75 -11.70 -6.36 -9.59
C HIS B 75 -11.38 -4.98 -10.14
N LYS B 76 -12.39 -4.09 -10.11
CA LYS B 76 -12.28 -2.69 -10.48
C LYS B 76 -12.76 -1.84 -9.29
N LEU B 77 -11.98 -0.82 -8.95
CA LEU B 77 -12.31 0.05 -7.84
C LEU B 77 -13.28 1.15 -8.23
N GLN B 78 -14.18 1.47 -7.30
CA GLN B 78 -15.07 2.63 -7.38
C GLN B 78 -14.74 3.46 -6.15
N VAL B 79 -14.31 4.71 -6.36
CA VAL B 79 -13.88 5.60 -5.29
C VAL B 79 -14.60 6.92 -5.48
N SER B 80 -15.23 7.43 -4.42
CA SER B 80 -15.96 8.68 -4.52
C SER B 80 -15.90 9.41 -3.19
N SER B 81 -15.93 10.73 -3.25
CA SER B 81 -15.98 11.53 -2.04
C SER B 81 -17.39 11.53 -1.49
N LEU B 82 -17.47 11.53 -0.16
CA LEU B 82 -18.76 11.55 0.53
C LEU B 82 -19.45 12.89 0.37
N VAL B 83 -18.67 13.96 0.26
CA VAL B 83 -19.21 15.27 -0.07
C VAL B 83 -19.38 15.31 -1.58
N VAL B 84 -20.62 15.44 -2.04
CA VAL B 84 -20.96 15.59 -3.44
C VAL B 84 -20.77 17.05 -3.84
N ALA C 11 -12.30 -21.54 3.70
CA ALA C 11 -11.19 -20.63 3.46
C ALA C 11 -11.12 -20.07 2.03
N TYR C 12 -11.19 -18.75 1.93
CA TYR C 12 -11.28 -18.07 0.65
C TYR C 12 -9.95 -17.43 0.26
N TYR C 13 -9.54 -17.65 -0.98
CA TYR C 13 -8.30 -17.09 -1.49
C TYR C 13 -8.57 -16.18 -2.70
N LEU C 14 -7.72 -15.17 -2.87
CA LEU C 14 -7.84 -14.27 -4.01
C LEU C 14 -8.20 -15.05 -5.26
N LYS C 15 -9.30 -14.67 -5.87
CA LYS C 15 -9.80 -15.34 -7.06
C LYS C 15 -8.73 -15.41 -8.13
N ASP C 16 -8.55 -16.62 -8.68
CA ASP C 16 -7.65 -16.95 -9.79
C ASP C 16 -6.16 -16.76 -9.48
N ALA C 17 -5.79 -16.65 -8.22
CA ALA C 17 -4.39 -16.46 -7.85
C ALA C 17 -3.75 -17.73 -7.30
N GLY C 18 -4.52 -18.80 -7.16
CA GLY C 18 -4.03 -19.99 -6.51
C GLY C 18 -3.98 -21.25 -7.34
N PHE C 19 -3.13 -22.18 -6.90
CA PHE C 19 -2.87 -23.41 -7.63
C PHE C 19 -2.85 -24.61 -6.69
N HIS C 20 -3.34 -25.73 -7.20
CA HIS C 20 -3.08 -27.04 -6.61
C HIS C 20 -1.85 -27.61 -7.30
N ILE C 21 -0.96 -28.22 -6.50
CA ILE C 21 0.33 -28.71 -6.96
C ILE C 21 0.41 -30.20 -6.68
N ARG C 22 0.74 -30.98 -7.70
CA ARG C 22 0.95 -32.42 -7.52
C ARG C 22 2.35 -32.78 -8.03
N ASN C 23 2.80 -33.98 -7.65
CA ASN C 23 4.07 -34.54 -8.11
C ASN C 23 5.27 -33.80 -7.54
N ILE C 24 5.12 -33.28 -6.32
CA ILE C 24 6.26 -32.65 -5.63
C ILE C 24 7.23 -33.74 -5.17
N PRO C 25 8.53 -33.58 -5.36
CA PRO C 25 9.48 -34.60 -4.87
C PRO C 25 9.44 -34.82 -3.37
N LYS C 26 9.71 -36.07 -2.97
CA LYS C 26 9.48 -36.50 -1.59
C LYS C 26 10.34 -35.72 -0.60
N ALA C 27 11.49 -35.22 -1.03
CA ALA C 27 12.45 -34.60 -0.14
C ALA C 27 12.19 -33.11 0.08
N TRP C 28 11.20 -32.53 -0.60
CA TRP C 28 10.96 -31.10 -0.51
C TRP C 28 10.19 -30.80 0.76
N ASN C 29 10.37 -29.58 1.27
CA ASN C 29 9.51 -29.06 2.32
C ASN C 29 8.83 -27.82 1.71
N ASP C 30 8.08 -27.10 2.53
CA ASP C 30 7.32 -25.97 2.00
C ASP C 30 8.23 -24.85 1.52
N TRP C 31 9.43 -24.72 2.10
CA TRP C 31 10.35 -23.70 1.59
C TRP C 31 10.89 -24.05 0.21
N ASN C 32 11.10 -25.33 -0.10
CA ASN C 32 11.48 -25.70 -1.46
C ASN C 32 10.41 -25.27 -2.46
N LEU C 33 9.14 -25.58 -2.14
CA LEU C 33 8.02 -25.22 -2.98
C LEU C 33 7.90 -23.71 -3.13
N PHE C 34 8.05 -22.98 -2.02
CA PHE C 34 8.03 -21.53 -2.07
C PHE C 34 9.09 -21.01 -3.05
N HIS C 35 10.30 -21.58 -2.98
CA HIS C 35 11.39 -21.06 -3.82
C HIS C 35 11.06 -21.20 -5.30
N VAL C 36 10.45 -22.33 -5.67
CA VAL C 36 10.10 -22.52 -7.07
C VAL C 36 9.12 -21.45 -7.54
N PHE C 37 8.10 -21.15 -6.73
CA PHE C 37 7.08 -20.22 -7.17
C PHE C 37 7.49 -18.77 -6.97
N GLN C 38 8.39 -18.50 -6.03
CA GLN C 38 8.87 -17.13 -5.88
C GLN C 38 9.54 -16.60 -7.14
N ASN C 39 10.10 -17.48 -7.99
CA ASN C 39 10.73 -17.00 -9.22
C ASN C 39 9.75 -16.33 -10.16
N PHE C 40 8.46 -16.57 -10.00
CA PHE C 40 7.41 -16.01 -10.85
C PHE C 40 6.73 -14.80 -10.25
N GLY C 41 6.97 -14.52 -8.98
CA GLY C 41 6.35 -13.39 -8.34
C GLY C 41 6.23 -13.60 -6.84
N LYS C 42 5.62 -12.62 -6.20
CA LYS C 42 5.43 -12.71 -4.76
C LYS C 42 4.42 -13.82 -4.45
N VAL C 43 4.66 -14.50 -3.33
CA VAL C 43 3.87 -15.65 -2.91
C VAL C 43 3.11 -15.31 -1.64
N SER C 44 1.80 -15.53 -1.63
CA SER C 44 1.03 -15.23 -0.43
CA SER C 44 1.02 -15.24 -0.44
C SER C 44 0.96 -16.41 0.53
N TYR C 45 0.85 -17.63 0.03
CA TYR C 45 0.79 -18.81 0.88
C TYR C 45 1.30 -20.03 0.14
N CYS C 46 1.81 -20.98 0.91
CA CYS C 46 2.53 -22.12 0.38
C CYS C 46 2.47 -23.25 1.41
N ARG C 47 1.98 -24.42 1.02
CA ARG C 47 1.96 -25.51 1.97
C ARG C 47 2.03 -26.85 1.25
N VAL C 48 2.75 -27.78 1.86
CA VAL C 48 2.70 -29.19 1.51
C VAL C 48 1.65 -29.85 2.39
N VAL C 49 0.63 -30.44 1.77
CA VAL C 49 -0.54 -30.88 2.51
C VAL C 49 -0.58 -32.39 2.68
N GLY C 50 0.02 -33.17 1.80
CA GLY C 50 0.00 -34.60 1.96
C GLY C 50 1.09 -35.24 1.13
N GLN C 51 1.04 -36.56 1.06
CA GLN C 51 1.98 -37.29 0.22
C GLN C 51 1.24 -38.40 -0.52
N SER C 52 1.90 -38.94 -1.54
CA SER C 52 1.37 -40.08 -2.27
C SER C 52 1.40 -41.32 -1.39
N ASN C 53 0.98 -42.45 -1.96
CA ASN C 53 1.01 -43.71 -1.22
C ASN C 53 2.40 -44.31 -1.18
N ASP C 54 3.13 -44.27 -2.30
CA ASP C 54 4.50 -44.77 -2.31
C ASP C 54 5.48 -43.77 -1.72
N GLY C 55 4.99 -42.62 -1.25
CA GLY C 55 5.84 -41.57 -0.73
C GLY C 55 6.74 -40.92 -1.76
N GLN C 56 6.80 -41.44 -2.98
CA GLN C 56 7.71 -40.88 -3.96
C GLN C 56 7.43 -39.40 -4.25
N VAL C 57 6.16 -38.94 -4.11
CA VAL C 57 5.82 -37.55 -4.37
C VAL C 57 4.82 -37.02 -3.34
N GLN C 58 4.69 -35.69 -3.28
CA GLN C 58 3.90 -34.95 -2.29
C GLN C 58 2.88 -34.06 -2.99
N LEU C 59 1.92 -33.54 -2.20
CA LEU C 59 0.83 -32.71 -2.71
C LEU C 59 0.85 -31.35 -2.02
N GLY C 60 0.49 -30.31 -2.77
CA GLY C 60 0.66 -28.97 -2.25
C GLY C 60 -0.34 -27.96 -2.80
N PHE C 61 -0.16 -26.74 -2.33
CA PHE C 61 -1.04 -25.63 -2.63
C PHE C 61 -0.17 -24.39 -2.57
N VAL C 62 -0.33 -23.52 -3.56
CA VAL C 62 0.39 -22.26 -3.62
C VAL C 62 -0.58 -21.17 -4.04
N ASN C 63 -0.57 -20.04 -3.34
CA ASN C 63 -1.37 -18.88 -3.72
CA ASN C 63 -1.36 -18.87 -3.72
C ASN C 63 -0.38 -17.74 -4.00
N MET C 64 -0.45 -17.18 -5.20
CA MET C 64 0.39 -16.04 -5.50
C MET C 64 -0.22 -14.78 -4.88
N MET C 65 0.62 -13.76 -4.75
CA MET C 65 0.14 -12.51 -4.14
C MET C 65 -0.84 -11.79 -5.04
N SER C 66 -0.80 -12.04 -6.34
CA SER C 66 -1.68 -11.34 -7.26
C SER C 66 -1.95 -12.21 -8.46
N VAL C 67 -3.06 -11.92 -9.14
CA VAL C 67 -3.42 -12.66 -10.35
C VAL C 67 -2.34 -12.50 -11.40
N ALA C 68 -1.76 -11.30 -11.46
CA ALA C 68 -0.66 -11.06 -12.39
C ALA C 68 0.52 -12.01 -12.14
N ASP C 69 0.87 -12.26 -10.87
CA ASP C 69 1.89 -13.26 -10.57
C ASP C 69 1.46 -14.65 -11.01
N ALA C 70 0.20 -15.01 -10.72
CA ALA C 70 -0.32 -16.32 -11.10
C ALA C 70 -0.38 -16.48 -12.61
N ASP C 71 -0.64 -15.40 -13.34
CA ASP C 71 -0.59 -15.48 -14.80
C ASP C 71 0.83 -15.72 -15.29
N GLU C 72 1.84 -15.08 -14.66
CA GLU C 72 3.23 -15.35 -15.03
C GLU C 72 3.61 -16.81 -14.77
N VAL C 73 3.00 -17.45 -13.77
CA VAL C 73 3.14 -18.89 -13.61
C VAL C 73 2.50 -19.62 -14.78
N ARG C 74 1.22 -19.33 -15.04
CA ARG C 74 0.52 -19.97 -16.15
C ARG C 74 1.30 -19.84 -17.46
N LYS C 75 2.10 -18.78 -17.61
CA LYS C 75 2.87 -18.60 -18.85
C LYS C 75 3.97 -19.65 -18.99
N ASN C 76 4.69 -19.97 -17.91
CA ASN C 76 5.82 -20.88 -17.99
C ASN C 76 5.42 -22.33 -17.91
N LEU C 77 4.12 -22.63 -17.98
CA LEU C 77 3.69 -24.02 -17.93
C LEU C 77 3.79 -24.65 -19.31
N ASN C 78 3.76 -25.98 -19.33
CA ASN C 78 3.79 -26.76 -20.57
C ASN C 78 2.90 -27.97 -20.36
N ASP C 79 1.65 -27.88 -20.81
CA ASP C 79 0.67 -28.96 -20.69
C ASP C 79 0.22 -29.16 -19.25
N GLY C 80 0.14 -28.07 -18.49
CA GLY C 80 -0.26 -28.12 -17.10
C GLY C 80 0.86 -28.43 -16.14
N ASN C 81 2.09 -28.51 -16.63
CA ASN C 81 3.25 -28.93 -15.86
C ASN C 81 4.25 -27.78 -15.77
N LEU C 82 4.83 -27.62 -14.59
CA LEU C 82 6.02 -26.80 -14.39
C LEU C 82 7.23 -27.72 -14.41
N ILE C 83 8.14 -27.50 -15.37
CA ILE C 83 9.29 -28.38 -15.59
C ILE C 83 10.53 -27.72 -14.99
N GLY C 84 11.27 -28.48 -14.18
CA GLY C 84 12.52 -28.00 -13.61
C GLY C 84 13.67 -28.93 -13.95
N GLU C 85 14.89 -28.47 -13.63
CA GLU C 85 16.10 -29.21 -14.01
C GLU C 85 16.09 -30.63 -13.46
N ASN C 86 15.22 -30.95 -12.50
CA ASN C 86 15.16 -32.29 -11.94
C ASN C 86 13.82 -32.57 -11.25
N PHE C 87 12.75 -31.89 -11.69
CA PHE C 87 11.41 -32.11 -11.18
C PHE C 87 10.37 -31.74 -12.23
N THR C 88 9.13 -32.19 -12.01
CA THR C 88 8.01 -31.82 -12.88
C THR C 88 6.74 -31.73 -12.03
N LEU C 89 6.17 -30.53 -11.89
CA LEU C 89 5.01 -30.34 -11.04
C LEU C 89 3.73 -30.29 -11.86
N LYS C 90 2.69 -30.95 -11.37
CA LYS C 90 1.36 -30.90 -12.00
C LYS C 90 0.60 -29.75 -11.32
N VAL C 91 0.29 -28.72 -12.09
CA VAL C 91 -0.27 -27.46 -11.59
C VAL C 91 -1.68 -27.30 -12.14
N THR C 92 -2.64 -27.07 -11.25
CA THR C 92 -4.02 -26.84 -11.63
C THR C 92 -4.57 -25.65 -10.88
N ASP C 93 -5.59 -25.01 -11.45
CA ASP C 93 -6.12 -23.79 -10.85
C ASP C 93 -6.99 -24.12 -9.66
N HIS C 94 -6.83 -23.37 -8.57
CA HIS C 94 -7.69 -23.51 -7.41
C HIS C 94 -8.95 -22.67 -7.60
N LYS C 95 -10.10 -23.19 -7.13
CA LYS C 95 -11.37 -22.48 -7.20
C LYS C 95 -11.98 -22.39 -5.80
N ASN C 96 -12.50 -21.21 -5.45
CA ASN C 96 -13.16 -21.04 -4.16
C ASN C 96 -14.55 -21.70 -4.19
N VAL C 97 -15.06 -22.03 -3.00
CA VAL C 97 -16.41 -22.56 -2.90
C VAL C 97 -17.41 -21.44 -3.07
N GLY C 98 -18.45 -21.67 -3.87
CA GLY C 98 -19.45 -20.65 -4.10
C GLY C 98 -20.32 -20.41 -2.88
N GLY C 99 -20.74 -19.15 -2.71
CA GLY C 99 -21.60 -18.79 -1.60
C GLY C 99 -20.92 -18.73 -0.24
N SER C 100 -19.64 -19.05 -0.16
CA SER C 100 -18.91 -18.98 1.11
C SER C 100 -18.58 -17.55 1.48
N LEU C 101 -18.23 -16.71 0.50
CA LEU C 101 -18.02 -15.29 0.77
C LEU C 101 -19.32 -14.69 1.28
N LEU C 102 -19.26 -13.93 2.35
CA LEU C 102 -20.45 -13.24 2.86
C LEU C 102 -20.30 -11.76 2.53
N PRO C 103 -21.10 -11.22 1.60
CA PRO C 103 -20.84 -9.84 1.19
C PRO C 103 -21.29 -8.78 2.20
N TYR D 12 4.85 14.86 13.56
CA TYR D 12 4.34 16.22 13.35
C TYR D 12 4.22 16.54 11.85
N TYR D 13 5.38 16.60 11.19
CA TYR D 13 5.50 16.88 9.77
C TYR D 13 6.54 15.93 9.20
N LEU D 14 6.70 15.94 7.89
CA LEU D 14 7.71 15.14 7.21
C LEU D 14 8.86 16.06 6.83
N LYS D 15 10.05 15.74 7.34
CA LYS D 15 11.21 16.60 7.11
C LYS D 15 11.46 16.76 5.63
N ASP D 16 11.71 18.00 5.22
CA ASP D 16 12.07 18.39 3.87
C ASP D 16 10.93 18.29 2.86
N ALA D 17 9.70 18.06 3.32
CA ALA D 17 8.57 17.96 2.40
C ALA D 17 7.72 19.22 2.36
N GLY D 18 8.02 20.22 3.18
CA GLY D 18 7.13 21.37 3.28
C GLY D 18 7.70 22.72 2.90
N PHE D 19 6.79 23.64 2.55
CA PHE D 19 7.15 24.95 2.03
C PHE D 19 6.29 26.04 2.68
N HIS D 20 6.92 27.18 2.95
CA HIS D 20 6.23 28.43 3.23
C HIS D 20 6.02 29.16 1.91
N ILE D 21 4.83 29.75 1.73
CA ILE D 21 4.44 30.35 0.46
C ILE D 21 4.09 31.81 0.74
N ARG D 22 4.74 32.72 0.04
CA ARG D 22 4.46 34.14 0.16
C ARG D 22 4.08 34.68 -1.21
N ASN D 23 3.49 35.87 -1.22
CA ASN D 23 3.15 36.57 -2.45
C ASN D 23 2.02 35.90 -3.22
N ILE D 24 1.09 35.28 -2.51
CA ILE D 24 -0.06 34.65 -3.16
C ILE D 24 -1.06 35.72 -3.58
N PRO D 25 -1.62 35.66 -4.79
CA PRO D 25 -2.55 36.71 -5.20
C PRO D 25 -3.79 36.75 -4.32
N LYS D 26 -4.37 37.94 -4.22
CA LYS D 26 -5.46 38.19 -3.30
C LYS D 26 -6.69 37.33 -3.57
N ALA D 27 -6.93 36.95 -4.83
CA ALA D 27 -8.20 36.29 -5.13
C ALA D 27 -8.17 34.80 -4.85
N TRP D 28 -7.00 34.23 -4.58
CA TRP D 28 -6.88 32.78 -4.53
C TRP D 28 -7.45 32.23 -3.21
N ASN D 29 -7.84 30.97 -3.23
CA ASN D 29 -8.22 30.22 -2.04
C ASN D 29 -7.32 28.99 -1.95
N ASP D 30 -7.61 28.12 -0.98
CA ASP D 30 -6.72 26.98 -0.80
C ASP D 30 -6.76 26.06 -2.01
N TRP D 31 -7.87 26.02 -2.74
CA TRP D 31 -7.89 25.12 -3.90
C TRP D 31 -7.03 25.65 -5.04
N ASN D 32 -6.96 26.98 -5.20
CA ASN D 32 -6.04 27.55 -6.19
C ASN D 32 -4.59 27.21 -5.86
N LEU D 33 -4.19 27.38 -4.60
CA LEU D 33 -2.85 27.00 -4.18
C LEU D 33 -2.61 25.51 -4.40
N PHE D 34 -3.61 24.69 -4.10
CA PHE D 34 -3.50 23.27 -4.37
C PHE D 34 -3.25 23.02 -5.86
N HIS D 35 -4.01 23.69 -6.74
CA HIS D 35 -3.89 23.42 -8.17
C HIS D 35 -2.50 23.71 -8.69
N VAL D 36 -1.84 24.71 -8.12
CA VAL D 36 -0.48 25.01 -8.56
C VAL D 36 0.45 23.85 -8.22
N PHE D 37 0.38 23.35 -6.97
CA PHE D 37 1.39 22.39 -6.51
C PHE D 37 1.05 20.96 -6.90
N GLN D 38 -0.20 20.66 -7.21
CA GLN D 38 -0.54 19.33 -7.68
C GLN D 38 0.19 18.97 -8.97
N ASN D 39 0.56 19.96 -9.78
CA ASN D 39 1.28 19.67 -11.03
C ASN D 39 2.70 19.16 -10.80
N PHE D 40 3.22 19.26 -9.57
CA PHE D 40 4.57 18.81 -9.25
C PHE D 40 4.62 17.49 -8.51
N GLY D 41 3.52 17.07 -7.91
CA GLY D 41 3.45 15.79 -7.24
C GLY D 41 2.26 15.80 -6.30
N LYS D 42 2.20 14.77 -5.46
CA LYS D 42 1.09 14.66 -4.54
C LYS D 42 1.25 15.62 -3.37
N VAL D 43 0.13 16.17 -2.93
CA VAL D 43 0.07 17.21 -1.89
C VAL D 43 -0.56 16.63 -0.63
N SER D 44 0.14 16.78 0.49
CA SER D 44 -0.38 16.34 1.78
C SER D 44 -1.31 17.36 2.42
N TYR D 45 -0.96 18.63 2.34
CA TYR D 45 -1.63 19.66 3.12
C TYR D 45 -1.38 20.97 2.40
N CYS D 46 -2.38 21.86 2.46
CA CYS D 46 -2.32 23.09 1.72
C CYS D 46 -3.31 24.05 2.37
N ARG D 47 -2.81 25.17 2.90
CA ARG D 47 -3.65 26.14 3.58
C ARG D 47 -3.23 27.54 3.18
N VAL D 48 -4.20 28.41 2.93
CA VAL D 48 -3.96 29.84 2.98
C VAL D 48 -4.27 30.27 4.40
N VAL D 49 -3.29 30.88 5.07
CA VAL D 49 -3.38 31.13 6.50
C VAL D 49 -3.81 32.55 6.83
N GLY D 50 -3.59 33.51 5.93
CA GLY D 50 -3.97 34.88 6.21
C GLY D 50 -3.50 35.76 5.09
N GLN D 51 -3.61 37.07 5.32
CA GLN D 51 -3.29 38.04 4.30
C GLN D 51 -2.68 39.27 4.94
N SER D 52 -1.94 40.03 4.13
CA SER D 52 -1.31 41.25 4.58
C SER D 52 -2.35 42.23 5.13
N ASN D 53 -1.87 43.27 5.81
CA ASN D 53 -2.81 44.24 6.35
C ASN D 53 -3.52 45.00 5.23
N ASP D 54 -2.85 45.25 4.11
CA ASP D 54 -3.47 45.86 2.93
C ASP D 54 -4.36 44.90 2.17
N GLY D 55 -4.39 43.62 2.55
CA GLY D 55 -5.27 42.65 1.91
C GLY D 55 -4.91 42.26 0.49
N GLN D 56 -3.72 42.63 0.02
CA GLN D 56 -3.36 42.47 -1.38
C GLN D 56 -2.63 41.15 -1.67
N VAL D 57 -1.85 40.64 -0.72
CA VAL D 57 -1.20 39.35 -0.88
C VAL D 57 -1.54 38.46 0.30
N GLN D 58 -1.37 37.17 0.10
CA GLN D 58 -1.67 36.17 1.10
C GLN D 58 -0.43 35.33 1.33
N LEU D 59 -0.43 34.68 2.50
CA LEU D 59 0.63 33.81 2.97
C LEU D 59 0.06 32.41 3.11
N GLY D 60 0.87 31.39 2.83
CA GLY D 60 0.35 30.04 2.87
C GLY D 60 1.43 29.04 3.20
N PHE D 61 1.04 27.77 3.16
CA PHE D 61 1.86 26.65 3.57
C PHE D 61 1.44 25.48 2.69
N VAL D 62 2.41 24.76 2.11
CA VAL D 62 2.11 23.57 1.32
C VAL D 62 3.04 22.48 1.80
N ASN D 63 2.48 21.32 2.13
CA ASN D 63 3.27 20.13 2.40
C ASN D 63 3.05 19.12 1.29
N MET D 64 4.13 18.68 0.66
CA MET D 64 4.02 17.62 -0.32
C MET D 64 3.98 16.27 0.40
N MET D 65 3.55 15.25 -0.33
CA MET D 65 3.32 13.94 0.25
C MET D 65 4.62 13.24 0.57
N SER D 66 5.68 13.59 -0.14
CA SER D 66 6.97 12.94 -0.03
C SER D 66 8.07 13.95 -0.34
N VAL D 67 9.28 13.61 0.12
CA VAL D 67 10.43 14.46 -0.19
C VAL D 67 10.68 14.49 -1.69
N ALA D 68 10.45 13.35 -2.36
CA ALA D 68 10.61 13.29 -3.81
C ALA D 68 9.66 14.26 -4.50
N ASP D 69 8.42 14.35 -4.03
CA ASP D 69 7.48 15.35 -4.57
C ASP D 69 7.99 16.77 -4.32
N ALA D 70 8.47 17.05 -3.11
CA ALA D 70 9.00 18.39 -2.80
C ALA D 70 10.25 18.71 -3.61
N ASP D 71 11.11 17.72 -3.83
CA ASP D 71 12.26 17.96 -4.70
C ASP D 71 11.83 18.32 -6.12
N GLU D 72 10.68 17.81 -6.56
CA GLU D 72 10.19 18.21 -7.86
C GLU D 72 9.78 19.68 -7.85
N VAL D 73 9.15 20.14 -6.78
CA VAL D 73 8.93 21.58 -6.62
C VAL D 73 10.26 22.31 -6.74
N ARG D 74 11.26 21.88 -5.95
CA ARG D 74 12.51 22.62 -5.92
C ARG D 74 13.13 22.72 -7.30
N LYS D 75 12.98 21.68 -8.13
CA LYS D 75 13.60 21.73 -9.45
C LYS D 75 12.99 22.83 -10.32
N ASN D 76 11.77 23.28 -10.00
CA ASN D 76 11.06 24.25 -10.80
C ASN D 76 11.10 25.67 -10.21
N LEU D 77 11.90 25.91 -9.18
CA LEU D 77 12.07 27.25 -8.65
C LEU D 77 13.26 27.95 -9.31
N ASN D 78 13.27 29.28 -9.19
CA ASN D 78 14.40 30.11 -9.61
C ASN D 78 14.62 31.12 -8.49
N ASP D 79 15.73 30.99 -7.77
CA ASP D 79 16.00 31.90 -6.65
C ASP D 79 14.83 31.92 -5.67
N GLY D 80 14.25 30.74 -5.43
CA GLY D 80 13.14 30.63 -4.50
C GLY D 80 11.81 31.10 -5.04
N ASN D 81 11.74 31.47 -6.32
CA ASN D 81 10.52 31.90 -6.95
C ASN D 81 9.93 30.79 -7.81
N LEU D 82 8.61 30.60 -7.70
CA LEU D 82 7.85 29.77 -8.63
C LEU D 82 7.14 30.72 -9.58
N ILE D 83 7.61 30.78 -10.82
CA ILE D 83 7.10 31.70 -11.82
C ILE D 83 6.05 30.95 -12.62
N GLY D 84 4.79 31.35 -12.44
CA GLY D 84 3.69 30.80 -13.19
C GLY D 84 3.27 31.69 -14.34
N GLU D 85 2.19 31.28 -14.99
CA GLU D 85 1.72 31.98 -16.18
C GLU D 85 1.41 33.43 -15.86
N ASN D 86 0.78 33.68 -14.72
CA ASN D 86 0.31 35.00 -14.34
C ASN D 86 0.52 35.29 -12.86
N PHE D 87 1.57 34.75 -12.27
CA PHE D 87 1.84 34.93 -10.86
C PHE D 87 3.27 34.55 -10.58
N THR D 88 3.75 35.01 -9.43
CA THR D 88 5.06 34.65 -8.92
C THR D 88 4.94 34.40 -7.44
N LEU D 89 5.20 33.18 -7.01
CA LEU D 89 5.16 32.81 -5.62
C LEU D 89 6.57 32.72 -5.05
N LYS D 90 6.75 33.28 -3.85
CA LYS D 90 7.98 33.09 -3.09
C LYS D 90 7.85 31.80 -2.28
N VAL D 91 8.71 30.82 -2.57
CA VAL D 91 8.65 29.48 -1.99
C VAL D 91 9.93 29.26 -1.20
N THR D 92 9.77 28.96 0.10
CA THR D 92 10.91 28.69 0.95
C THR D 92 10.65 27.43 1.78
N ASP D 93 11.73 26.69 2.04
CA ASP D 93 11.63 25.46 2.81
C ASP D 93 11.10 25.72 4.21
N HIS D 94 10.21 24.87 4.68
CA HIS D 94 9.85 24.87 6.09
C HIS D 94 10.89 24.06 6.88
N LYS D 95 11.28 24.58 8.04
CA LYS D 95 12.21 23.85 8.90
C LYS D 95 11.69 23.82 10.34
#